data_8ZTC
#
_entry.id   8ZTC
#
_cell.length_a   76.733
_cell.length_b   76.733
_cell.length_c   162.689
_cell.angle_alpha   90.00
_cell.angle_beta   90.00
_cell.angle_gamma   120.00
#
_symmetry.space_group_name_H-M   'P 32 2 1'
#
loop_
_entity.id
_entity.type
_entity.pdbx_description
1 polymer 'Mitogen-activated protein kinase MPS1'
2 non-polymer 'ADENOSINE MONOPHOSPHATE'
3 water water
#
_entity_poly.entity_id   1
_entity_poly.type   'polypeptide(L)'
_entity_poly.pdbx_seq_one_letter_code
;MSHHHHHHSMDMSDLQGRKIFKVFNQDFIVDERYTVTKELGQGAYGIVCAAVNNQTSEGVAIKKVTNVFSKKILAKRALR
EIKLLQHFRGHRNITCLYDMDIPRPDNFNETYLYEELMECDLAAIIRSGQPLTDAHFQSFIYQILCGLKYIHSANVLHRD
LKPGNLLVNADCELKICDFGLARGFSVDPEENAGYMTEYVATRWYRAPEIMLSFQSYTKAIDVWSVGCILAELLGGRPFF
KGRDYVDQLNQILHILGTPNEETLSRIGSPRAQEYVRNLPFMAKKPFPTLFPNANPDALDLLDRMLAFDPSSRISVEQAL
EHPYLHIWHDASDEPDCPTTFNFDFEVVEDVGEMRKMILDEVYRFRQLVRTAPGAGGHGAPHAPQVPIPAGAGQGQWKAE
DPRPQEYVGQMNDLEAELAGGLDQRR
;
_entity_poly.pdbx_strand_id   A
#
loop_
_chem_comp.id
_chem_comp.type
_chem_comp.name
_chem_comp.formula
AMP non-polymer 'ADENOSINE MONOPHOSPHATE' 'C10 H14 N5 O7 P'
#
# COMPACT_ATOMS: atom_id res chain seq x y z
N GLN A 16 17.55 21.20 24.90
CA GLN A 16 16.99 21.01 23.56
C GLN A 16 17.17 19.58 23.08
N GLY A 17 18.41 19.22 22.75
CA GLY A 17 18.69 17.91 22.20
C GLY A 17 18.32 17.73 20.74
N ARG A 18 18.19 18.82 19.99
CA ARG A 18 17.81 18.77 18.59
C ARG A 18 18.69 19.68 17.76
N LYS A 19 18.73 19.42 16.46
CA LYS A 19 19.46 20.23 15.49
C LYS A 19 18.50 20.76 14.43
N ILE A 20 18.86 21.89 13.82
CA ILE A 20 18.06 22.52 12.79
C ILE A 20 18.81 22.41 11.46
N PHE A 21 18.11 21.93 10.43
CA PHE A 21 18.63 21.90 9.07
C PHE A 21 17.71 22.70 8.17
N LYS A 22 18.26 23.18 7.05
CA LYS A 22 17.51 23.92 6.05
C LYS A 22 17.39 23.04 4.81
N VAL A 23 16.20 22.50 4.58
CA VAL A 23 15.93 21.63 3.44
C VAL A 23 14.61 22.05 2.79
N PHE A 24 14.57 21.95 1.46
CA PHE A 24 13.40 22.35 0.67
C PHE A 24 12.90 23.72 1.06
N ASN A 25 13.83 24.61 1.44
CA ASN A 25 13.54 26.00 1.77
C ASN A 25 12.63 26.11 3.00
N GLN A 26 12.89 25.27 4.00
CA GLN A 26 12.17 25.35 5.28
C GLN A 26 13.04 24.74 6.37
N ASP A 27 12.50 24.71 7.59
CA ASP A 27 13.21 24.17 8.73
C ASP A 27 12.94 22.68 8.88
N PHE A 28 13.94 21.96 9.42
CA PHE A 28 13.90 20.51 9.57
C PHE A 28 14.55 20.18 10.90
N ILE A 29 13.73 19.96 11.94
CA ILE A 29 14.20 19.80 13.31
C ILE A 29 14.27 18.30 13.61
N VAL A 30 15.47 17.79 13.92
CA VAL A 30 15.68 16.37 14.12
C VAL A 30 16.36 16.12 15.47
N ASP A 31 16.28 14.87 15.91
CA ASP A 31 17.04 14.40 17.06
C ASP A 31 18.52 14.66 16.85
N GLU A 32 19.20 15.07 17.92
CA GLU A 32 20.62 15.45 17.84
C GLU A 32 21.54 14.29 17.52
N ARG A 33 21.05 13.05 17.52
CA ARG A 33 21.88 11.90 17.20
C ARG A 33 22.06 11.70 15.70
N TYR A 34 21.39 12.48 14.86
CA TYR A 34 21.36 12.26 13.42
C TYR A 34 21.97 13.45 12.68
N THR A 35 22.42 13.18 11.46
CA THR A 35 22.83 14.21 10.50
C THR A 35 22.09 13.98 9.20
N VAL A 36 21.35 14.99 8.74
CA VAL A 36 20.67 14.91 7.46
C VAL A 36 21.70 14.88 6.34
N THR A 37 21.43 14.11 5.28
CA THR A 37 22.39 13.93 4.21
C THR A 37 21.85 14.32 2.84
N LYS A 38 20.67 13.86 2.46
CA LYS A 38 20.19 14.10 1.10
C LYS A 38 18.69 14.37 1.09
N GLU A 39 18.28 15.27 0.20
CA GLU A 39 16.87 15.45 -0.09
C GLU A 39 16.34 14.25 -0.87
N LEU A 40 15.08 13.89 -0.61
CA LEU A 40 14.49 12.73 -1.27
C LEU A 40 13.19 13.00 -2.00
N GLY A 41 12.55 14.15 -1.78
CA GLY A 41 11.40 14.51 -2.58
C GLY A 41 10.37 15.26 -1.77
N GLN A 42 9.34 15.72 -2.49
CA GLN A 42 8.22 16.44 -1.92
C GLN A 42 6.91 15.73 -2.26
N GLY A 43 5.84 16.21 -1.64
CA GLY A 43 4.50 15.78 -1.93
C GLY A 43 3.55 16.84 -1.43
N ALA A 44 2.25 16.60 -1.63
CA ALA A 44 1.26 17.51 -1.08
C ALA A 44 1.12 17.38 0.42
N TYR A 45 1.81 16.41 1.04
CA TYR A 45 1.62 16.11 2.44
C TYR A 45 2.89 16.20 3.27
N GLY A 46 4.04 16.40 2.66
CA GLY A 46 5.25 16.60 3.42
C GLY A 46 6.50 16.42 2.58
N ILE A 47 7.64 16.48 3.27
CA ILE A 47 8.95 16.36 2.65
C ILE A 47 9.70 15.21 3.31
N VAL A 48 10.65 14.64 2.57
CA VAL A 48 11.37 13.45 3.00
C VAL A 48 12.87 13.66 2.78
N CYS A 49 13.67 13.31 3.79
CA CYS A 49 15.12 13.36 3.70
C CYS A 49 15.71 12.05 4.23
N ALA A 50 16.95 11.79 3.83
CA ALA A 50 17.72 10.69 4.37
C ALA A 50 18.72 11.23 5.39
N ALA A 51 19.11 10.36 6.33
CA ALA A 51 19.98 10.78 7.41
C ALA A 51 20.79 9.58 7.88
N VAL A 52 21.68 9.84 8.85
CA VAL A 52 22.53 8.80 9.41
C VAL A 52 22.65 9.02 10.91
N ASN A 53 22.42 7.95 11.67
CA ASN A 53 22.70 7.95 13.10
C ASN A 53 24.20 8.05 13.31
N ASN A 54 24.67 9.20 13.82
CA ASN A 54 26.10 9.42 13.98
C ASN A 54 26.76 8.44 14.95
N GLN A 55 25.98 7.60 15.62
CA GLN A 55 26.56 6.63 16.55
C GLN A 55 26.60 5.24 15.91
N THR A 56 25.44 4.62 15.74
CA THR A 56 25.36 3.26 15.19
C THR A 56 25.65 3.21 13.71
N SER A 57 25.66 4.35 13.02
CA SER A 57 25.90 4.53 11.59
C SER A 57 24.77 4.00 10.71
N GLU A 58 23.73 3.40 11.29
CA GLU A 58 22.61 2.95 10.47
C GLU A 58 21.91 4.14 9.82
N GLY A 59 21.42 3.93 8.61
CA GLY A 59 20.67 4.95 7.91
C GLY A 59 19.19 4.91 8.26
N VAL A 60 18.57 6.09 8.27
CA VAL A 60 17.14 6.22 8.49
C VAL A 60 16.60 7.26 7.52
N ALA A 61 15.32 7.15 7.18
CA ALA A 61 14.60 8.19 6.47
C ALA A 61 13.74 8.98 7.45
N ILE A 62 13.68 10.29 7.28
CA ILE A 62 12.91 11.17 8.15
C ILE A 62 11.88 11.91 7.31
N LYS A 63 10.60 11.69 7.62
CA LYS A 63 9.49 12.30 6.90
C LYS A 63 8.83 13.36 7.78
N LYS A 64 8.67 14.56 7.22
CA LYS A 64 8.05 15.68 7.93
C LYS A 64 6.68 15.93 7.31
N VAL A 65 5.62 15.53 8.01
CA VAL A 65 4.27 15.81 7.58
C VAL A 65 3.96 17.28 7.84
N THR A 66 3.50 18.00 6.83
CA THR A 66 3.44 19.45 6.85
C THR A 66 2.00 19.94 6.91
N ASN A 67 1.82 21.08 7.59
CA ASN A 67 0.56 21.83 7.60
C ASN A 67 -0.61 20.95 8.03
N VAL A 68 -0.40 20.14 9.07
CA VAL A 68 -1.37 19.12 9.43
C VAL A 68 -2.66 19.73 9.99
N PHE A 69 -2.60 20.94 10.54
CA PHE A 69 -3.78 21.59 11.10
C PHE A 69 -4.24 22.78 10.26
N SER A 70 -4.05 22.69 8.94
CA SER A 70 -4.54 23.73 8.04
C SER A 70 -5.96 23.45 7.57
N LYS A 71 -6.29 22.19 7.30
CA LYS A 71 -7.63 21.79 6.94
C LYS A 71 -8.01 20.54 7.73
N LYS A 72 -9.32 20.36 7.94
CA LYS A 72 -9.79 19.19 8.67
C LYS A 72 -9.42 17.89 7.99
N ILE A 73 -9.18 17.91 6.68
CA ILE A 73 -8.89 16.68 5.95
C ILE A 73 -7.41 16.30 6.04
N LEU A 74 -6.51 17.28 6.13
CA LEU A 74 -5.10 16.98 6.34
C LEU A 74 -4.86 16.46 7.75
N ALA A 75 -5.67 16.88 8.72
CA ALA A 75 -5.49 16.43 10.09
C ALA A 75 -5.96 15.00 10.28
N LYS A 76 -7.10 14.63 9.68
CA LYS A 76 -7.56 13.25 9.75
C LYS A 76 -6.69 12.32 8.92
N ARG A 77 -5.98 12.84 7.92
CA ARG A 77 -5.08 12.01 7.13
C ARG A 77 -3.83 11.64 7.94
N ALA A 78 -3.26 12.62 8.64
CA ALA A 78 -2.05 12.36 9.41
C ALA A 78 -2.31 11.40 10.58
N LEU A 79 -3.44 11.57 11.27
CA LEU A 79 -3.77 10.65 12.35
C LEU A 79 -4.02 9.25 11.83
N ARG A 80 -4.66 9.15 10.65
CA ARG A 80 -4.89 7.85 10.05
C ARG A 80 -3.59 7.13 9.72
N GLU A 81 -2.62 7.87 9.17
CA GLU A 81 -1.35 7.26 8.79
C GLU A 81 -0.51 6.91 10.01
N ILE A 82 -0.55 7.74 11.06
CA ILE A 82 0.21 7.48 12.27
C ILE A 82 -0.25 6.19 12.93
N LYS A 83 -1.57 6.03 13.09
CA LYS A 83 -2.09 4.85 13.78
C LYS A 83 -1.85 3.58 12.97
N LEU A 84 -1.94 3.65 11.64
CA LEU A 84 -1.82 2.45 10.84
C LEU A 84 -0.37 1.99 10.74
N LEU A 85 0.57 2.93 10.62
CA LEU A 85 1.98 2.54 10.58
C LEU A 85 2.40 1.81 11.86
N GLN A 86 1.83 2.20 13.01
CA GLN A 86 2.11 1.49 14.25
C GLN A 86 1.54 0.08 14.23
N HIS A 87 0.35 -0.10 13.65
CA HIS A 87 -0.29 -1.41 13.67
C HIS A 87 0.47 -2.44 12.84
N PHE A 88 1.22 -2.00 11.82
CA PHE A 88 1.86 -2.92 10.89
C PHE A 88 3.38 -2.96 11.05
N ARG A 89 3.91 -2.58 12.21
CA ARG A 89 5.35 -2.65 12.45
C ARG A 89 5.83 -4.09 12.43
N GLY A 90 7.00 -4.30 11.82
CA GLY A 90 7.68 -5.57 11.92
C GLY A 90 7.44 -6.58 10.82
N HIS A 91 6.75 -6.19 9.75
CA HIS A 91 6.57 -7.08 8.61
C HIS A 91 7.64 -6.80 7.57
N ARG A 92 8.24 -7.87 7.04
CA ARG A 92 9.33 -7.78 6.08
C ARG A 92 8.96 -7.00 4.82
N ASN A 93 7.67 -6.97 4.45
CA ASN A 93 7.25 -6.33 3.21
C ASN A 93 6.39 -5.08 3.44
N ILE A 94 6.55 -4.42 4.58
CA ILE A 94 5.89 -3.16 4.88
C ILE A 94 6.91 -2.22 5.52
N THR A 95 6.86 -0.94 5.16
CA THR A 95 7.80 0.03 5.70
C THR A 95 7.69 0.10 7.22
N CYS A 96 8.84 0.10 7.90
CA CYS A 96 8.90 -0.06 9.35
C CYS A 96 9.16 1.28 10.03
N LEU A 97 8.27 1.66 10.94
CA LEU A 97 8.39 2.90 11.71
C LEU A 97 9.29 2.67 12.94
N TYR A 98 10.26 3.57 13.14
CA TYR A 98 11.21 3.47 14.24
C TYR A 98 10.92 4.41 15.41
N ASP A 99 10.44 5.62 15.13
CA ASP A 99 10.31 6.66 16.16
C ASP A 99 9.42 7.76 15.61
N MET A 100 8.96 8.64 16.51
CA MET A 100 8.22 9.84 16.12
C MET A 100 8.63 10.99 17.05
N ASP A 101 8.42 12.22 16.60
CA ASP A 101 8.81 13.40 17.38
C ASP A 101 7.97 14.61 16.99
N ILE A 102 7.62 15.43 17.98
CA ILE A 102 6.93 16.73 17.78
C ILE A 102 7.80 17.82 18.43
N PRO A 103 8.72 18.46 17.70
CA PRO A 103 9.65 19.46 18.25
C PRO A 103 9.12 20.71 18.97
N ARG A 104 8.07 21.36 18.48
CA ARG A 104 7.59 22.54 19.23
C ARG A 104 6.17 22.24 19.66
N PRO A 105 5.96 21.49 20.76
CA PRO A 105 4.62 21.07 21.15
C PRO A 105 3.60 22.16 21.48
N ASP A 106 4.06 23.36 21.86
CA ASP A 106 3.13 24.46 22.21
C ASP A 106 2.26 24.79 21.00
N ASN A 107 2.87 25.21 19.89
CA ASN A 107 2.08 25.55 18.68
C ASN A 107 2.66 24.76 17.51
N PHE A 108 2.38 23.46 17.44
CA PHE A 108 2.97 22.64 16.35
C PHE A 108 1.99 22.50 15.20
N ASN A 109 2.55 22.28 14.00
CA ASN A 109 1.74 22.08 12.79
C ASN A 109 2.43 21.03 11.93
N GLU A 110 3.30 20.22 12.57
CA GLU A 110 4.06 19.21 11.85
C GLU A 110 4.46 18.12 12.83
N THR A 111 4.62 16.90 12.31
CA THR A 111 5.14 15.77 13.07
C THR A 111 6.17 15.03 12.22
N TYR A 112 7.21 14.53 12.87
CA TYR A 112 8.32 13.86 12.21
C TYR A 112 8.23 12.36 12.43
N LEU A 113 8.37 11.59 11.36
CA LEU A 113 8.41 10.13 11.39
C LEU A 113 9.80 9.64 11.02
N TYR A 114 10.30 8.67 11.79
CA TYR A 114 11.59 8.06 11.53
C TYR A 114 11.36 6.63 11.06
N GLU A 115 11.82 6.31 9.84
CA GLU A 115 11.51 5.05 9.19
C GLU A 115 12.76 4.36 8.67
N GLU A 116 12.60 3.09 8.36
CA GLU A 116 13.64 2.31 7.69
C GLU A 116 13.92 2.88 6.30
N LEU A 117 15.20 2.94 5.93
CA LEU A 117 15.64 3.66 4.74
C LEU A 117 15.74 2.73 3.53
N MET A 118 15.16 3.17 2.41
CA MET A 118 15.22 2.47 1.13
C MET A 118 15.91 3.36 0.09
N GLU A 119 16.10 2.81 -1.12
CA GLU A 119 16.88 3.51 -2.14
C GLU A 119 16.03 4.21 -3.20
N CYS A 120 15.04 3.54 -3.80
CA CYS A 120 14.13 4.18 -4.72
C CYS A 120 12.81 3.42 -4.70
N ASP A 121 11.85 3.90 -5.50
CA ASP A 121 10.57 3.22 -5.66
C ASP A 121 10.52 2.47 -7.00
N LEU A 122 9.50 1.62 -7.14
CA LEU A 122 9.44 0.76 -8.32
C LEU A 122 9.16 1.56 -9.59
N ALA A 123 8.42 2.68 -9.46
CA ALA A 123 8.20 3.56 -10.61
C ALA A 123 9.53 4.02 -11.21
N ALA A 124 10.51 4.35 -10.36
CA ALA A 124 11.80 4.82 -10.85
C ALA A 124 12.54 3.71 -11.60
N ILE A 125 12.49 2.49 -11.08
CA ILE A 125 13.14 1.36 -11.74
C ILE A 125 12.55 1.12 -13.13
N ILE A 126 11.22 1.19 -13.24
CA ILE A 126 10.58 1.03 -14.54
C ILE A 126 10.96 2.19 -15.47
N ARG A 127 11.08 3.40 -14.91
CA ARG A 127 11.43 4.58 -15.70
C ARG A 127 12.85 4.51 -16.25
N SER A 128 13.78 3.91 -15.51
CA SER A 128 15.18 3.85 -15.92
C SER A 128 15.43 2.94 -17.13
N GLY A 129 14.48 2.06 -17.46
CA GLY A 129 14.69 1.10 -18.53
C GLY A 129 15.68 0.00 -18.22
N GLN A 130 16.10 -0.15 -16.96
CA GLN A 130 17.02 -1.22 -16.60
C GLN A 130 16.37 -2.57 -16.89
N PRO A 131 17.09 -3.53 -17.49
CA PRO A 131 16.46 -4.80 -17.86
C PRO A 131 16.14 -5.65 -16.64
N LEU A 132 14.96 -6.26 -16.65
CA LEU A 132 14.48 -7.12 -15.59
C LEU A 132 14.11 -8.49 -16.15
N THR A 133 14.44 -9.55 -15.41
CA THR A 133 14.11 -10.90 -15.85
C THR A 133 12.73 -11.32 -15.32
N ASP A 134 12.28 -12.50 -15.78
CA ASP A 134 11.00 -13.03 -15.30
C ASP A 134 11.07 -13.40 -13.83
N ALA A 135 12.24 -13.81 -13.34
CA ALA A 135 12.39 -14.05 -11.91
C ALA A 135 12.23 -12.77 -11.09
N HIS A 136 12.62 -11.62 -11.65
CA HIS A 136 12.37 -10.35 -10.98
C HIS A 136 10.87 -10.11 -10.82
N PHE A 137 10.11 -10.29 -11.91
CA PHE A 137 8.67 -10.11 -11.85
C PHE A 137 8.05 -11.01 -10.79
N GLN A 138 8.48 -12.28 -10.74
CA GLN A 138 7.95 -13.21 -9.74
C GLN A 138 8.23 -12.71 -8.32
N SER A 139 9.48 -12.32 -8.05
CA SER A 139 9.84 -11.83 -6.72
C SER A 139 9.02 -10.61 -6.33
N PHE A 140 8.92 -9.63 -7.23
CA PHE A 140 8.17 -8.41 -6.93
C PHE A 140 6.70 -8.73 -6.60
N ILE A 141 6.06 -9.56 -7.42
CA ILE A 141 4.62 -9.81 -7.24
C ILE A 141 4.38 -10.63 -5.98
N TYR A 142 5.27 -11.58 -5.67
CA TYR A 142 5.12 -12.39 -4.46
C TYR A 142 5.22 -11.52 -3.20
N GLN A 143 6.19 -10.60 -3.17
CA GLN A 143 6.37 -9.75 -1.99
C GLN A 143 5.18 -8.83 -1.77
N ILE A 144 4.62 -8.27 -2.85
CA ILE A 144 3.41 -7.46 -2.73
C ILE A 144 2.29 -8.24 -2.09
N LEU A 145 2.10 -9.49 -2.51
CA LEU A 145 0.99 -10.31 -2.02
C LEU A 145 1.16 -10.68 -0.55
N CYS A 146 2.40 -10.96 -0.10
CA CYS A 146 2.63 -11.24 1.32
C CYS A 146 2.26 -10.05 2.19
N GLY A 147 2.73 -8.85 1.82
CA GLY A 147 2.37 -7.67 2.60
C GLY A 147 0.88 -7.39 2.57
N LEU A 148 0.23 -7.64 1.43
CA LEU A 148 -1.20 -7.38 1.32
C LEU A 148 -2.03 -8.37 2.15
N LYS A 149 -1.60 -9.64 2.19
CA LYS A 149 -2.30 -10.62 3.01
C LYS A 149 -2.27 -10.23 4.47
N TYR A 150 -1.15 -9.68 4.93
CA TYR A 150 -1.04 -9.16 6.29
C TYR A 150 -2.04 -8.03 6.53
N ILE A 151 -2.09 -7.07 5.60
CA ILE A 151 -2.96 -5.90 5.77
C ILE A 151 -4.43 -6.32 5.77
N HIS A 152 -4.81 -7.19 4.82
CA HIS A 152 -6.21 -7.63 4.72
C HIS A 152 -6.64 -8.42 5.96
N SER A 153 -5.71 -9.16 6.57
CA SER A 153 -6.05 -9.96 7.75
C SER A 153 -6.43 -9.09 8.95
N ALA A 154 -6.10 -7.81 8.94
CA ALA A 154 -6.56 -6.87 9.96
C ALA A 154 -7.81 -6.13 9.54
N ASN A 155 -8.44 -6.53 8.43
CA ASN A 155 -9.63 -5.89 7.88
C ASN A 155 -9.35 -4.44 7.46
N VAL A 156 -8.26 -4.25 6.71
CA VAL A 156 -7.88 -2.95 6.19
C VAL A 156 -7.73 -3.06 4.68
N LEU A 157 -8.29 -2.10 3.94
CA LEU A 157 -8.09 -1.98 2.50
C LEU A 157 -7.08 -0.87 2.23
N HIS A 158 -6.09 -1.14 1.39
CA HIS A 158 -5.05 -0.14 1.13
C HIS A 158 -5.59 0.99 0.25
N ARG A 159 -6.19 0.64 -0.89
CA ARG A 159 -6.93 1.49 -1.82
C ARG A 159 -6.06 2.28 -2.80
N ASP A 160 -4.73 2.26 -2.71
CA ASP A 160 -3.92 3.06 -3.62
C ASP A 160 -2.59 2.37 -3.92
N LEU A 161 -2.63 1.09 -4.28
CA LEU A 161 -1.43 0.37 -4.67
C LEU A 161 -1.03 0.75 -6.10
N LYS A 162 0.26 1.03 -6.30
CA LYS A 162 0.81 1.45 -7.57
C LYS A 162 2.33 1.52 -7.44
N PRO A 163 3.06 1.51 -8.55
CA PRO A 163 4.53 1.46 -8.46
C PRO A 163 5.15 2.56 -7.62
N GLY A 164 4.52 3.74 -7.55
CA GLY A 164 5.06 4.82 -6.75
C GLY A 164 5.00 4.60 -5.25
N ASN A 165 4.13 3.70 -4.79
CA ASN A 165 4.02 3.41 -3.36
C ASN A 165 4.70 2.09 -2.99
N LEU A 166 5.72 1.67 -3.75
CA LEU A 166 6.46 0.44 -3.48
C LEU A 166 7.95 0.76 -3.45
N LEU A 167 8.57 0.66 -2.27
CA LEU A 167 9.98 1.00 -2.08
C LEU A 167 10.86 -0.23 -2.29
N VAL A 168 12.05 0.01 -2.86
CA VAL A 168 12.98 -1.06 -3.22
C VAL A 168 14.39 -0.64 -2.78
N ASN A 169 15.23 -1.63 -2.50
CA ASN A 169 16.63 -1.37 -2.20
C ASN A 169 17.52 -2.18 -3.15
N ALA A 170 18.84 -2.14 -2.89
CA ALA A 170 19.81 -2.69 -3.85
C ALA A 170 19.64 -4.19 -4.03
N ASP A 171 19.33 -4.91 -2.95
CA ASP A 171 19.02 -6.34 -3.07
C ASP A 171 17.68 -6.58 -3.75
N CYS A 172 16.99 -5.52 -4.17
CA CYS A 172 15.64 -5.56 -4.76
C CYS A 172 14.67 -6.33 -3.86
N GLU A 173 14.69 -6.01 -2.56
CA GLU A 173 13.58 -6.29 -1.64
C GLU A 173 12.58 -5.14 -1.69
N LEU A 174 11.30 -5.48 -1.45
CA LEU A 174 10.20 -4.58 -1.72
C LEU A 174 9.34 -4.37 -0.47
N LYS A 175 8.89 -3.13 -0.25
CA LYS A 175 8.06 -2.79 0.90
C LYS A 175 6.94 -1.83 0.51
N ILE A 176 5.71 -2.17 0.91
CA ILE A 176 4.55 -1.30 0.71
C ILE A 176 4.65 -0.09 1.64
N CYS A 177 4.16 1.06 1.17
CA CYS A 177 4.11 2.27 2.00
C CYS A 177 2.86 3.08 1.68
N ASP A 178 2.71 4.20 2.38
CA ASP A 178 1.65 5.19 2.20
C ASP A 178 0.26 4.68 2.55
N PHE A 179 -0.18 4.89 3.80
CA PHE A 179 -1.47 4.43 4.29
C PHE A 179 -2.48 5.56 4.44
N GLY A 180 -2.24 6.69 3.79
CA GLY A 180 -3.12 7.85 3.94
C GLY A 180 -4.51 7.66 3.36
N LEU A 181 -4.72 6.68 2.50
CA LEU A 181 -6.01 6.46 1.86
C LEU A 181 -6.72 5.20 2.36
N ALA A 182 -6.14 4.49 3.33
CA ALA A 182 -6.68 3.20 3.74
C ALA A 182 -8.10 3.35 4.31
N ARG A 183 -8.85 2.25 4.23
CA ARG A 183 -10.26 2.25 4.63
C ARG A 183 -10.59 0.90 5.24
N GLY A 184 -11.58 0.89 6.13
CA GLY A 184 -11.98 -0.34 6.78
C GLY A 184 -12.80 -1.23 5.87
N PHE A 185 -12.81 -2.52 6.22
CA PHE A 185 -13.67 -3.50 5.59
C PHE A 185 -14.40 -4.29 6.67
N SER A 186 -15.67 -4.57 6.44
CA SER A 186 -16.46 -5.40 7.34
C SER A 186 -17.39 -6.29 6.53
N VAL A 187 -17.54 -7.54 6.97
CA VAL A 187 -18.47 -8.46 6.32
C VAL A 187 -19.91 -8.00 6.51
N ASP A 188 -20.17 -7.16 7.51
CA ASP A 188 -21.50 -6.57 7.70
C ASP A 188 -21.67 -5.39 6.74
N PRO A 189 -22.60 -5.44 5.79
CA PRO A 189 -22.71 -4.36 4.79
C PRO A 189 -23.24 -3.04 5.33
N GLU A 190 -23.81 -3.00 6.54
CA GLU A 190 -24.07 -1.70 7.15
C GLU A 190 -22.79 -1.12 7.75
N GLU A 191 -22.00 -1.97 8.41
CA GLU A 191 -20.68 -1.56 8.88
C GLU A 191 -19.81 -1.12 7.70
N ASN A 192 -19.81 -1.91 6.62
CA ASN A 192 -18.96 -1.61 5.47
C ASN A 192 -19.36 -0.32 4.78
N ALA A 193 -20.67 -0.05 4.69
CA ALA A 193 -21.15 1.17 4.05
C ALA A 193 -20.84 2.43 4.86
N GLY A 194 -20.25 2.30 6.05
CA GLY A 194 -20.04 3.44 6.92
C GLY A 194 -18.59 3.86 7.12
N TYR A 195 -17.65 3.18 6.48
CA TYR A 195 -16.25 3.58 6.55
C TYR A 195 -15.98 4.73 5.59
N MET A 196 -15.20 5.70 6.03
CA MET A 196 -15.04 6.97 5.33
C MET A 196 -13.92 6.91 4.29
N THR A 197 -14.14 7.61 3.18
CA THR A 197 -13.17 7.71 2.09
C THR A 197 -12.94 9.20 1.81
N GLU A 198 -11.84 9.74 2.31
CA GLU A 198 -11.59 11.17 2.20
C GLU A 198 -11.10 11.58 0.81
N TYR A 199 -10.21 10.79 0.21
CA TYR A 199 -9.61 11.14 -1.06
C TYR A 199 -9.94 10.07 -2.11
N VAL A 200 -9.63 10.39 -3.36
CA VAL A 200 -9.84 9.49 -4.49
C VAL A 200 -8.49 8.93 -4.92
N ALA A 201 -8.47 7.66 -5.31
CA ALA A 201 -7.23 6.98 -5.66
C ALA A 201 -6.77 7.36 -7.07
N THR A 202 -5.55 6.91 -7.41
CA THR A 202 -4.97 7.20 -8.72
C THR A 202 -5.75 6.49 -9.82
N ARG A 203 -6.12 7.26 -10.85
CA ARG A 203 -7.13 6.80 -11.81
C ARG A 203 -6.68 5.56 -12.59
N TRP A 204 -5.41 5.49 -12.96
CA TRP A 204 -4.95 4.39 -13.81
C TRP A 204 -5.01 3.03 -13.14
N TYR A 205 -5.01 2.98 -11.80
CA TYR A 205 -4.96 1.72 -11.08
C TYR A 205 -6.24 1.42 -10.30
N ARG A 206 -7.29 2.24 -10.44
CA ARG A 206 -8.52 2.05 -9.69
C ARG A 206 -9.43 1.02 -10.36
N ALA A 207 -10.03 0.16 -9.53
CA ALA A 207 -10.83 -0.96 -10.02
C ALA A 207 -12.12 -0.47 -10.68
N PRO A 208 -12.62 -1.19 -11.69
CA PRO A 208 -13.78 -0.70 -12.44
C PRO A 208 -15.08 -0.67 -11.66
N GLU A 209 -15.28 -1.60 -10.71
CA GLU A 209 -16.55 -1.62 -9.98
C GLU A 209 -16.75 -0.40 -9.08
N ILE A 210 -15.71 0.41 -8.88
CA ILE A 210 -15.86 1.61 -8.06
C ILE A 210 -16.53 2.73 -8.85
N MET A 211 -16.17 2.91 -10.12
CA MET A 211 -16.79 3.95 -10.93
C MET A 211 -18.06 3.48 -11.63
N LEU A 212 -18.32 2.17 -11.66
CA LEU A 212 -19.56 1.65 -12.21
C LEU A 212 -20.63 1.42 -11.14
N SER A 213 -20.36 1.80 -9.89
CA SER A 213 -21.35 1.79 -8.82
C SER A 213 -21.90 0.39 -8.55
N PHE A 214 -20.99 -0.58 -8.40
CA PHE A 214 -21.40 -1.93 -8.04
C PHE A 214 -21.89 -2.01 -6.60
N GLN A 215 -21.50 -1.07 -5.75
CA GLN A 215 -21.76 -1.12 -4.32
C GLN A 215 -21.17 -2.39 -3.68
N SER A 216 -20.03 -2.81 -4.18
CA SER A 216 -19.37 -4.04 -3.74
C SER A 216 -17.92 -3.70 -3.34
N TYR A 217 -17.77 -2.92 -2.27
CA TYR A 217 -16.45 -2.51 -1.79
C TYR A 217 -15.85 -3.68 -1.02
N THR A 218 -15.14 -4.54 -1.73
CA THR A 218 -14.53 -5.73 -1.16
C THR A 218 -13.02 -5.70 -1.36
N LYS A 219 -12.35 -6.72 -0.84
CA LYS A 219 -10.90 -6.84 -0.96
C LYS A 219 -10.43 -7.04 -2.40
N ALA A 220 -11.36 -7.32 -3.32
CA ALA A 220 -11.00 -7.46 -4.73
C ALA A 220 -10.46 -6.16 -5.33
N ILE A 221 -10.79 -5.00 -4.75
CA ILE A 221 -10.31 -3.74 -5.31
C ILE A 221 -8.79 -3.65 -5.24
N ASP A 222 -8.16 -4.25 -4.23
CA ASP A 222 -6.71 -4.24 -4.15
C ASP A 222 -6.07 -5.24 -5.11
N VAL A 223 -6.75 -6.38 -5.35
CA VAL A 223 -6.24 -7.37 -6.28
C VAL A 223 -6.14 -6.81 -7.69
N TRP A 224 -7.15 -6.02 -8.11
CA TRP A 224 -7.10 -5.41 -9.43
C TRP A 224 -5.84 -4.56 -9.62
N SER A 225 -5.49 -3.78 -8.60
CA SER A 225 -4.32 -2.91 -8.69
C SER A 225 -3.04 -3.72 -8.89
N VAL A 226 -2.92 -4.87 -8.21
CA VAL A 226 -1.76 -5.72 -8.40
C VAL A 226 -1.67 -6.20 -9.84
N GLY A 227 -2.82 -6.54 -10.44
CA GLY A 227 -2.81 -6.93 -11.84
C GLY A 227 -2.31 -5.83 -12.76
N CYS A 228 -2.74 -4.59 -12.50
CA CYS A 228 -2.22 -3.46 -13.25
C CYS A 228 -0.70 -3.33 -13.12
N ILE A 229 -0.15 -3.69 -11.96
CA ILE A 229 1.29 -3.57 -11.75
C ILE A 229 2.04 -4.64 -12.55
N LEU A 230 1.53 -5.87 -12.53
CA LEU A 230 2.17 -6.93 -13.32
C LEU A 230 2.13 -6.62 -14.81
N ALA A 231 1.03 -6.03 -15.28
CA ALA A 231 0.93 -5.69 -16.69
C ALA A 231 1.92 -4.58 -17.06
N GLU A 232 2.09 -3.59 -16.17
CA GLU A 232 3.05 -2.52 -16.40
C GLU A 232 4.48 -3.06 -16.45
N LEU A 233 4.79 -4.06 -15.62
CA LEU A 233 6.11 -4.67 -15.65
C LEU A 233 6.34 -5.42 -16.96
N LEU A 234 5.30 -6.08 -17.48
CA LEU A 234 5.47 -6.88 -18.69
C LEU A 234 5.63 -6.00 -19.93
N GLY A 235 5.07 -4.79 -19.92
CA GLY A 235 5.13 -3.94 -21.10
C GLY A 235 6.03 -2.72 -20.96
N GLY A 236 6.57 -2.50 -19.76
CA GLY A 236 7.41 -1.34 -19.52
C GLY A 236 6.69 0.00 -19.48
N ARG A 237 5.35 0.00 -19.39
CA ARG A 237 4.59 1.23 -19.43
C ARG A 237 3.22 0.97 -18.82
N PRO A 238 2.54 2.01 -18.29
CA PRO A 238 1.21 1.80 -17.71
C PRO A 238 0.26 1.17 -18.73
N PHE A 239 -0.61 0.30 -18.23
CA PHE A 239 -1.44 -0.54 -19.10
C PHE A 239 -2.78 0.11 -19.44
N PHE A 240 -3.48 0.63 -18.44
CA PHE A 240 -4.76 1.32 -18.62
C PHE A 240 -4.52 2.80 -18.30
N LYS A 241 -4.31 3.62 -19.33
CA LYS A 241 -3.76 4.97 -19.17
C LYS A 241 -4.78 6.01 -19.63
N GLY A 242 -5.88 6.13 -18.91
CA GLY A 242 -6.92 7.07 -19.29
C GLY A 242 -6.62 8.50 -18.87
N ARG A 243 -7.11 9.44 -19.67
CA ARG A 243 -6.98 10.86 -19.37
C ARG A 243 -8.12 11.40 -18.52
N ASP A 244 -9.28 10.75 -18.57
CA ASP A 244 -10.39 10.99 -17.64
C ASP A 244 -11.11 9.66 -17.42
N TYR A 245 -12.24 9.70 -16.73
CA TYR A 245 -12.90 8.45 -16.37
C TYR A 245 -13.59 7.77 -17.55
N VAL A 246 -14.14 8.55 -18.50
CA VAL A 246 -14.72 7.95 -19.69
C VAL A 246 -13.63 7.27 -20.53
N ASP A 247 -12.50 7.96 -20.72
CA ASP A 247 -11.37 7.37 -21.44
C ASP A 247 -10.84 6.13 -20.74
N GLN A 248 -10.82 6.15 -19.40
CA GLN A 248 -10.38 4.99 -18.64
C GLN A 248 -11.29 3.79 -18.87
N LEU A 249 -12.60 4.01 -18.87
CA LEU A 249 -13.54 2.92 -19.11
C LEU A 249 -13.41 2.38 -20.53
N ASN A 250 -13.22 3.27 -21.51
CA ASN A 250 -13.10 2.81 -22.90
C ASN A 250 -11.85 1.95 -23.10
N GLN A 251 -10.73 2.34 -22.48
CA GLN A 251 -9.50 1.57 -22.65
C GLN A 251 -9.60 0.20 -21.99
N ILE A 252 -10.42 0.07 -20.95
CA ILE A 252 -10.55 -1.20 -20.25
C ILE A 252 -11.45 -2.16 -21.04
N LEU A 253 -12.59 -1.66 -21.52
CA LEU A 253 -13.48 -2.49 -22.31
C LEU A 253 -12.83 -2.92 -23.62
N HIS A 254 -11.94 -2.10 -24.17
CA HIS A 254 -11.27 -2.44 -25.42
C HIS A 254 -10.40 -3.68 -25.27
N ILE A 255 -9.84 -3.92 -24.08
CA ILE A 255 -8.97 -5.07 -23.84
C ILE A 255 -9.76 -6.29 -23.38
N LEU A 256 -10.65 -6.11 -22.41
CA LEU A 256 -11.35 -7.21 -21.78
C LEU A 256 -12.64 -7.62 -22.50
N GLY A 257 -13.21 -6.73 -23.32
CA GLY A 257 -14.36 -7.08 -24.14
C GLY A 257 -15.70 -6.80 -23.48
N THR A 258 -16.75 -6.98 -24.27
CA THR A 258 -18.12 -6.74 -23.82
C THR A 258 -18.46 -7.66 -22.64
N PRO A 259 -18.98 -7.13 -21.54
CA PRO A 259 -19.39 -8.00 -20.42
C PRO A 259 -20.71 -8.70 -20.70
N ASN A 260 -20.95 -9.77 -19.94
CA ASN A 260 -22.15 -10.57 -20.13
C ASN A 260 -23.36 -9.90 -19.46
N GLU A 261 -24.52 -10.55 -19.58
CA GLU A 261 -25.77 -9.95 -19.12
C GLU A 261 -25.82 -9.81 -17.61
N GLU A 262 -25.30 -10.81 -16.88
CA GLU A 262 -25.23 -10.71 -15.43
C GLU A 262 -24.45 -9.48 -15.00
N THR A 263 -23.29 -9.25 -15.62
CA THR A 263 -22.43 -8.14 -15.23
C THR A 263 -23.06 -6.80 -15.57
N LEU A 264 -23.67 -6.68 -16.75
CA LEU A 264 -24.26 -5.42 -17.18
C LEU A 264 -25.33 -4.95 -16.18
N SER A 265 -26.17 -5.87 -15.70
CA SER A 265 -27.23 -5.50 -14.77
C SER A 265 -26.69 -5.02 -13.43
N ARG A 266 -25.45 -5.34 -13.10
CA ARG A 266 -24.87 -4.95 -11.82
C ARG A 266 -24.42 -3.50 -11.78
N ILE A 267 -24.40 -2.80 -12.92
CA ILE A 267 -24.01 -1.40 -12.96
C ILE A 267 -25.09 -0.58 -12.26
N GLY A 268 -24.80 -0.09 -11.06
CA GLY A 268 -25.76 0.66 -10.28
C GLY A 268 -25.97 2.09 -10.72
N SER A 269 -25.46 2.47 -11.89
CA SER A 269 -25.61 3.82 -12.40
C SER A 269 -26.37 3.79 -13.72
N PRO A 270 -27.45 4.58 -13.86
CA PRO A 270 -28.28 4.46 -15.09
C PRO A 270 -27.58 4.96 -16.33
N ARG A 271 -26.92 6.11 -16.25
CA ARG A 271 -26.23 6.64 -17.43
C ARG A 271 -25.06 5.76 -17.84
N ALA A 272 -24.33 5.20 -16.87
CA ALA A 272 -23.21 4.33 -17.20
C ALA A 272 -23.69 3.03 -17.81
N GLN A 273 -24.72 2.42 -17.22
CA GLN A 273 -25.26 1.18 -17.77
C GLN A 273 -25.81 1.39 -19.18
N GLU A 274 -26.46 2.54 -19.41
CA GLU A 274 -26.97 2.85 -20.74
C GLU A 274 -25.84 2.98 -21.75
N TYR A 275 -24.73 3.61 -21.33
CA TYR A 275 -23.61 3.81 -22.25
C TYR A 275 -22.96 2.48 -22.64
N VAL A 276 -22.70 1.61 -21.66
CA VAL A 276 -22.02 0.35 -21.95
C VAL A 276 -22.92 -0.58 -22.75
N ARG A 277 -24.23 -0.54 -22.51
CA ARG A 277 -25.13 -1.45 -23.21
C ARG A 277 -25.21 -1.13 -24.71
N ASN A 278 -24.95 0.12 -25.09
CA ASN A 278 -25.15 0.55 -26.47
C ASN A 278 -23.87 0.50 -27.32
N LEU A 279 -22.71 0.26 -26.72
CA LEU A 279 -21.48 0.18 -27.49
C LEU A 279 -21.56 -1.00 -28.47
N PRO A 280 -20.84 -0.91 -29.60
CA PRO A 280 -20.74 -2.10 -30.47
C PRO A 280 -20.00 -3.23 -29.79
N PHE A 281 -20.20 -4.43 -30.32
CA PHE A 281 -19.59 -5.62 -29.77
C PHE A 281 -18.07 -5.50 -29.78
N MET A 282 -17.44 -5.99 -28.70
CA MET A 282 -15.98 -5.96 -28.57
C MET A 282 -15.50 -7.33 -28.10
N ALA A 283 -14.58 -7.91 -28.86
CA ALA A 283 -14.01 -9.20 -28.48
C ALA A 283 -12.85 -9.01 -27.51
N LYS A 284 -12.61 -10.02 -26.68
CA LYS A 284 -11.50 -9.99 -25.74
C LYS A 284 -10.19 -10.15 -26.50
N LYS A 285 -9.20 -9.31 -26.15
CA LYS A 285 -7.86 -9.43 -26.71
C LYS A 285 -7.04 -10.35 -25.82
N PRO A 286 -6.64 -11.53 -26.27
CA PRO A 286 -5.90 -12.45 -25.39
C PRO A 286 -4.53 -11.90 -25.03
N PHE A 287 -4.19 -12.02 -23.75
CA PHE A 287 -2.90 -11.52 -23.29
C PHE A 287 -1.71 -12.15 -24.01
N PRO A 288 -1.72 -13.43 -24.43
CA PRO A 288 -0.60 -13.91 -25.26
C PRO A 288 -0.38 -13.12 -26.53
N THR A 289 -1.41 -12.48 -27.08
CA THR A 289 -1.18 -11.65 -28.26
C THR A 289 -0.58 -10.29 -27.90
N LEU A 290 -0.82 -9.81 -26.68
CA LEU A 290 -0.27 -8.52 -26.26
C LEU A 290 1.16 -8.63 -25.77
N PHE A 291 1.51 -9.73 -25.11
CA PHE A 291 2.86 -9.97 -24.60
C PHE A 291 3.35 -11.33 -25.11
N PRO A 292 3.68 -11.42 -26.41
CA PRO A 292 4.00 -12.73 -27.00
C PRO A 292 5.30 -13.36 -26.53
N ASN A 293 6.14 -12.64 -25.78
CA ASN A 293 7.42 -13.19 -25.32
C ASN A 293 7.41 -13.54 -23.83
N ALA A 294 6.29 -13.41 -23.15
CA ALA A 294 6.25 -13.57 -21.70
C ALA A 294 6.13 -15.04 -21.30
N ASN A 295 6.38 -15.29 -20.02
CA ASN A 295 6.15 -16.61 -19.45
C ASN A 295 4.65 -16.92 -19.46
N PRO A 296 4.24 -18.07 -20.02
CA PRO A 296 2.81 -18.40 -20.05
C PRO A 296 2.14 -18.43 -18.70
N ASP A 297 2.84 -18.84 -17.63
CA ASP A 297 2.24 -18.82 -16.30
C ASP A 297 1.96 -17.39 -15.84
N ALA A 298 2.81 -16.43 -16.23
CA ALA A 298 2.59 -15.04 -15.86
C ALA A 298 1.29 -14.51 -16.45
N LEU A 299 1.03 -14.83 -17.72
CA LEU A 299 -0.18 -14.33 -18.37
C LEU A 299 -1.43 -15.00 -17.81
N ASP A 300 -1.33 -16.26 -17.37
CA ASP A 300 -2.48 -16.92 -16.77
C ASP A 300 -2.85 -16.27 -15.43
N LEU A 301 -1.87 -15.95 -14.61
CA LEU A 301 -2.16 -15.23 -13.37
C LEU A 301 -2.65 -13.81 -13.67
N LEU A 302 -2.07 -13.16 -14.69
CA LEU A 302 -2.52 -11.81 -15.04
C LEU A 302 -3.99 -11.82 -15.43
N ASP A 303 -4.42 -12.84 -16.18
CA ASP A 303 -5.82 -12.91 -16.60
C ASP A 303 -6.76 -13.06 -15.41
N ARG A 304 -6.33 -13.78 -14.37
CA ARG A 304 -7.20 -13.96 -13.21
C ARG A 304 -7.24 -12.73 -12.30
N MET A 305 -6.17 -11.95 -12.23
CA MET A 305 -6.20 -10.73 -11.43
C MET A 305 -6.99 -9.62 -12.11
N LEU A 306 -6.99 -9.57 -13.43
CA LEU A 306 -7.70 -8.53 -14.18
C LEU A 306 -9.05 -9.03 -14.69
N ALA A 307 -9.84 -9.64 -13.82
CA ALA A 307 -11.21 -10.01 -14.17
C ALA A 307 -12.13 -8.81 -13.99
N PHE A 308 -12.99 -8.55 -14.99
CA PHE A 308 -13.81 -7.35 -14.98
C PHE A 308 -14.76 -7.33 -13.78
N ASP A 309 -15.47 -8.44 -13.54
CA ASP A 309 -16.42 -8.54 -12.44
C ASP A 309 -15.71 -9.01 -11.17
N PRO A 310 -15.82 -8.28 -10.05
CA PRO A 310 -15.10 -8.67 -8.83
C PRO A 310 -15.43 -10.06 -8.32
N SER A 311 -16.58 -10.63 -8.70
CA SER A 311 -16.97 -11.95 -8.23
C SER A 311 -16.17 -13.07 -8.87
N SER A 312 -15.61 -12.86 -10.07
CA SER A 312 -14.78 -13.86 -10.73
C SER A 312 -13.29 -13.63 -10.50
N ARG A 313 -12.91 -12.62 -9.74
CA ARG A 313 -11.51 -12.26 -9.58
C ARG A 313 -10.84 -13.13 -8.53
N ILE A 314 -9.57 -13.50 -8.80
CA ILE A 314 -8.81 -14.34 -7.89
C ILE A 314 -8.54 -13.60 -6.57
N SER A 315 -8.43 -14.37 -5.48
CA SER A 315 -8.16 -13.82 -4.16
C SER A 315 -6.65 -13.83 -3.87
N VAL A 316 -6.28 -13.14 -2.79
CA VAL A 316 -4.87 -13.03 -2.41
C VAL A 316 -4.28 -14.42 -2.13
N GLU A 317 -4.98 -15.22 -1.32
CA GLU A 317 -4.45 -16.53 -0.95
C GLU A 317 -4.43 -17.49 -2.12
N GLN A 318 -5.40 -17.40 -3.03
CA GLN A 318 -5.35 -18.20 -4.24
C GLN A 318 -4.15 -17.80 -5.11
N ALA A 319 -3.85 -16.51 -5.15
CA ALA A 319 -2.72 -16.04 -5.97
C ALA A 319 -1.40 -16.54 -5.41
N LEU A 320 -1.24 -16.53 -4.08
CA LEU A 320 -0.01 -17.02 -3.48
C LEU A 320 0.24 -18.49 -3.81
N GLU A 321 -0.80 -19.26 -4.14
CA GLU A 321 -0.67 -20.68 -4.47
C GLU A 321 -0.55 -20.93 -5.97
N HIS A 322 -0.53 -19.88 -6.80
CA HIS A 322 -0.53 -20.06 -8.25
C HIS A 322 0.81 -20.64 -8.71
N PRO A 323 0.77 -21.49 -9.76
CA PRO A 323 2.03 -22.08 -10.27
C PRO A 323 3.10 -21.08 -10.65
N TYR A 324 2.74 -19.84 -11.01
CA TYR A 324 3.75 -18.84 -11.34
C TYR A 324 4.70 -18.59 -10.17
N LEU A 325 4.22 -18.75 -8.93
CA LEU A 325 4.98 -18.38 -7.75
C LEU A 325 5.40 -19.58 -6.90
N HIS A 326 5.46 -20.79 -7.49
CA HIS A 326 5.63 -22.00 -6.68
C HIS A 326 7.03 -22.07 -6.06
N ILE A 327 8.03 -21.42 -6.65
CA ILE A 327 9.37 -21.45 -6.08
C ILE A 327 9.42 -20.64 -4.78
N TRP A 328 8.65 -19.55 -4.71
CA TRP A 328 8.71 -18.65 -3.56
C TRP A 328 7.72 -19.00 -2.46
N HIS A 329 6.64 -19.72 -2.79
CA HIS A 329 5.55 -19.91 -1.85
C HIS A 329 5.94 -20.85 -0.72
N ASP A 330 5.72 -20.41 0.53
CA ASP A 330 5.88 -21.25 1.71
C ASP A 330 4.90 -20.72 2.76
N ALA A 331 3.77 -21.42 2.93
CA ALA A 331 2.70 -20.92 3.79
C ALA A 331 3.16 -20.73 5.24
N SER A 332 4.16 -21.51 5.68
CA SER A 332 4.74 -21.30 7.00
C SER A 332 5.51 -20.00 7.10
N ASP A 333 5.66 -19.24 6.01
CA ASP A 333 6.40 -17.99 6.01
C ASP A 333 5.52 -16.79 5.65
N GLU A 334 4.20 -16.96 5.66
CA GLU A 334 3.25 -15.94 5.21
C GLU A 334 2.27 -15.65 6.34
N PRO A 335 2.67 -14.82 7.30
CA PRO A 335 1.88 -14.67 8.54
C PRO A 335 0.64 -13.81 8.35
N ASP A 336 -0.25 -13.92 9.34
CA ASP A 336 -1.42 -13.06 9.49
C ASP A 336 -1.14 -12.00 10.55
N CYS A 337 -1.97 -10.96 10.55
CA CYS A 337 -1.87 -9.98 11.63
C CYS A 337 -2.61 -10.49 12.87
N PRO A 338 -2.01 -10.35 14.06
CA PRO A 338 -2.64 -10.93 15.26
C PRO A 338 -4.02 -10.36 15.57
N THR A 339 -4.19 -9.05 15.45
CA THR A 339 -5.44 -8.40 15.81
C THR A 339 -5.92 -7.53 14.64
N THR A 340 -7.23 -7.26 14.63
CA THR A 340 -7.81 -6.36 13.66
C THR A 340 -7.61 -4.91 14.10
N PHE A 341 -7.74 -3.99 13.13
CA PHE A 341 -7.56 -2.57 13.35
C PHE A 341 -8.92 -1.91 13.55
N ASN A 342 -9.00 -0.97 14.48
CA ASN A 342 -10.24 -0.31 14.85
C ASN A 342 -10.26 1.12 14.31
N PHE A 343 -11.33 1.45 13.57
CA PHE A 343 -11.45 2.74 12.90
C PHE A 343 -12.39 3.70 13.64
N ASP A 344 -12.46 3.63 14.97
CA ASP A 344 -13.42 4.47 15.67
C ASP A 344 -13.01 5.94 15.67
N PHE A 345 -11.74 6.25 15.47
CA PHE A 345 -11.27 7.63 15.57
C PHE A 345 -11.82 8.51 14.45
N GLU A 346 -12.05 7.95 13.26
CA GLU A 346 -12.45 8.77 12.11
C GLU A 346 -13.80 9.45 12.30
N VAL A 347 -14.57 9.05 13.31
CA VAL A 347 -15.82 9.74 13.62
C VAL A 347 -15.54 11.15 14.15
N VAL A 348 -14.41 11.33 14.86
CA VAL A 348 -14.07 12.62 15.44
C VAL A 348 -14.01 13.67 14.34
N GLU A 349 -14.68 14.79 14.57
CA GLU A 349 -14.74 15.87 13.59
C GLU A 349 -14.39 17.23 14.18
N ASP A 350 -13.78 17.26 15.36
CA ASP A 350 -13.35 18.50 16.02
C ASP A 350 -11.83 18.56 15.95
N VAL A 351 -11.31 19.66 15.39
CA VAL A 351 -9.86 19.76 15.17
C VAL A 351 -9.11 19.89 16.50
N GLY A 352 -9.75 20.42 17.54
CA GLY A 352 -9.10 20.44 18.85
C GLY A 352 -8.91 19.06 19.43
N GLU A 353 -9.93 18.19 19.25
CA GLU A 353 -9.81 16.81 19.68
C GLU A 353 -8.71 16.07 18.91
N MET A 354 -8.56 16.38 17.62
CA MET A 354 -7.58 15.67 16.80
C MET A 354 -6.15 16.06 17.17
N ARG A 355 -5.93 17.30 17.59
CA ARG A 355 -4.60 17.68 18.08
C ARG A 355 -4.25 16.90 19.35
N LYS A 356 -5.25 16.66 20.21
CA LYS A 356 -5.00 15.91 21.44
C LYS A 356 -4.68 14.45 21.13
N MET A 357 -5.40 13.84 20.20
CA MET A 357 -5.17 12.44 19.87
C MET A 357 -3.78 12.22 19.28
N ILE A 358 -3.29 13.17 18.47
CA ILE A 358 -1.99 13.02 17.83
C ILE A 358 -0.88 13.11 18.88
N LEU A 359 -0.98 14.09 19.78
CA LEU A 359 -0.01 14.18 20.87
C LEU A 359 0.03 12.88 21.68
N ASP A 360 -1.14 12.32 21.98
CA ASP A 360 -1.20 11.06 22.72
C ASP A 360 -0.49 9.93 22.00
N GLU A 361 -0.69 9.83 20.68
CA GLU A 361 -0.07 8.77 19.90
C GLU A 361 1.45 8.87 19.93
N VAL A 362 1.98 10.08 19.81
CA VAL A 362 3.43 10.26 19.71
C VAL A 362 4.11 9.91 21.03
N TYR A 363 3.59 10.42 22.15
CA TYR A 363 4.26 10.22 23.43
C TYR A 363 4.16 8.77 23.88
N ARG A 364 3.04 8.11 23.61
CA ARG A 364 2.89 6.70 23.97
C ARG A 364 3.83 5.83 23.13
N PHE A 365 4.00 6.15 21.84
CA PHE A 365 4.91 5.38 21.00
C PHE A 365 6.38 5.60 21.41
N ARG A 366 6.75 6.84 21.74
CA ARG A 366 8.14 7.10 22.11
C ARG A 366 8.55 6.33 23.35
N GLN A 367 7.63 6.19 24.30
CA GLN A 367 7.91 5.43 25.51
C GLN A 367 8.07 3.95 25.21
N LEU A 368 7.26 3.43 24.27
CA LEU A 368 7.30 2.00 23.95
C LEU A 368 8.64 1.59 23.35
N VAL A 369 9.12 2.34 22.34
CA VAL A 369 10.30 1.91 21.61
C VAL A 369 11.59 2.08 22.40
N ARG A 370 11.55 2.74 23.55
CA ARG A 370 12.74 2.94 24.36
C ARG A 370 12.87 1.93 25.51
N THR A 371 12.02 0.90 25.54
CA THR A 371 12.08 -0.10 26.60
C THR A 371 13.23 -1.09 26.40
N GLN A 405 7.87 -29.76 20.46
CA GLN A 405 8.91 -29.23 21.33
C GLN A 405 10.29 -29.44 20.71
N GLU A 406 11.18 -28.47 20.90
CA GLU A 406 12.48 -28.48 20.25
C GLU A 406 13.43 -29.46 20.94
N TYR A 407 14.56 -29.75 20.27
CA TYR A 407 15.46 -30.79 20.73
C TYR A 407 16.24 -30.38 21.97
N VAL A 408 16.74 -29.14 21.98
CA VAL A 408 17.54 -28.67 23.12
C VAL A 408 16.71 -28.66 24.39
N GLY A 409 15.42 -28.35 24.28
CA GLY A 409 14.55 -28.40 25.44
C GLY A 409 14.31 -29.80 25.94
N GLN A 410 14.17 -30.76 25.02
CA GLN A 410 13.93 -32.15 25.40
C GLN A 410 15.14 -32.73 26.11
N MET A 411 16.35 -32.40 25.65
CA MET A 411 17.56 -32.94 26.27
C MET A 411 17.88 -32.26 27.60
N ASN A 412 17.53 -30.98 27.74
CA ASN A 412 17.73 -30.31 29.02
C ASN A 412 16.87 -30.92 30.11
N ASP A 413 15.63 -31.28 29.78
CA ASP A 413 14.76 -31.93 30.76
C ASP A 413 15.28 -33.32 31.13
N LEU A 414 15.88 -34.02 30.15
CA LEU A 414 16.39 -35.36 30.41
C LEU A 414 17.72 -35.32 31.18
N GLU A 415 18.49 -34.24 31.01
CA GLU A 415 19.77 -34.14 31.69
C GLU A 415 19.59 -33.77 33.16
N ALA A 416 18.89 -32.66 33.42
CA ALA A 416 18.50 -32.36 34.79
C ALA A 416 17.86 -33.56 35.48
N GLU A 417 17.18 -34.45 34.73
CA GLU A 417 16.63 -35.71 35.25
C GLU A 417 17.72 -36.68 35.72
N LEU A 418 18.57 -37.14 34.79
CA LEU A 418 19.56 -38.16 35.13
C LEU A 418 20.44 -37.69 36.28
N ALA A 419 20.81 -36.42 36.28
CA ALA A 419 21.51 -35.80 37.39
C ALA A 419 20.60 -35.74 38.62
P AMP B . 5.89 10.95 -0.61
O1P AMP B . 4.94 11.25 -1.74
O2P AMP B . 5.61 9.68 0.17
O3P AMP B . 6.20 12.14 0.27
O5' AMP B . 7.28 10.67 -1.35
C5' AMP B . 8.44 11.44 -1.07
C4' AMP B . 9.68 10.87 -1.74
O4' AMP B . 10.48 10.18 -0.74
C3' AMP B . 9.42 9.87 -2.86
O3' AMP B . 10.45 9.99 -3.85
C2' AMP B . 9.56 8.53 -2.15
O2' AMP B . 9.90 7.45 -2.99
C1' AMP B . 10.66 8.83 -1.12
N9 AMP B . 10.59 8.01 0.08
C8 AMP B . 9.50 7.90 0.87
N7 AMP B . 9.73 7.08 1.92
C5 AMP B . 11.00 6.63 1.81
C6 AMP B . 11.87 5.73 2.59
N6 AMP B . 11.42 5.13 3.72
N1 AMP B . 13.13 5.53 2.14
C2 AMP B . 13.59 6.14 1.03
N3 AMP B . 12.84 6.97 0.26
C4 AMP B . 11.56 7.25 0.60
#